data_5OML
#
_entry.id   5OML
#
_cell.length_a   35.863
_cell.length_b   116.368
_cell.length_c   38.962
_cell.angle_alpha   90.000
_cell.angle_beta   101.460
_cell.angle_gamma   90.000
#
_symmetry.space_group_name_H-M   'P 1 21 1'
#
loop_
_entity.id
_entity.type
_entity.pdbx_description
1 polymer 'Peroxin 14'
2 non-polymer '(3~{R})-3-[[1-(2-hydroxyethyl)-5-[(4-methoxynaphthalen-1-yl)methyl]-6,7-dihydro-4~{H}-pyrazolo[4,3-c]pyridin-3-yl]carbonylamino]-3-phenyl-propanoic acid'
3 non-polymer 'SULFATE ION'
4 non-polymer BETA-MERCAPTOETHANOL
5 water water
#
_entity_poly.entity_id   1
_entity_poly.type   'polypeptide(L)'
_entity_poly.pdbx_seq_one_letter_code
;MWHTHSEREKRVSNAVEFLLDSRVRRTPTSSKVHFLKSKGLSAEEICEAFTKVGQPKTLNEIKRILS
;
_entity_poly.pdbx_strand_id   A,B,C,D
#
# COMPACT_ATOMS: atom_id res chain seq x y z
N THR A 4 -11.50 18.85 3.92
CA THR A 4 -10.62 17.63 4.02
C THR A 4 -9.53 17.71 2.94
N HIS A 5 -8.41 17.02 3.16
CA HIS A 5 -7.26 17.21 2.30
C HIS A 5 -7.46 16.43 0.97
N SER A 6 -6.91 17.02 -0.05
CA SER A 6 -6.83 16.32 -1.35
C SER A 6 -5.82 15.22 -1.26
N GLU A 7 -5.80 14.30 -2.21
CA GLU A 7 -4.77 13.24 -2.19
C GLU A 7 -3.38 13.82 -2.34
N ARG A 8 -3.25 14.87 -3.12
CA ARG A 8 -1.97 15.53 -3.26
C ARG A 8 -1.52 16.11 -1.92
N GLU A 9 -2.40 16.76 -1.21
CA GLU A 9 -2.09 17.30 0.10
C GLU A 9 -1.68 16.23 1.10
N LYS A 10 -2.35 15.09 1.08
CA LYS A 10 -1.97 14.00 1.93
C LYS A 10 -0.53 13.49 1.61
N ARG A 11 -0.20 13.39 0.32
CA ARG A 11 1.15 12.94 -0.03
C ARG A 11 2.19 13.89 0.49
N VAL A 12 1.96 15.18 0.27
CA VAL A 12 2.92 16.18 0.72
C VAL A 12 3.00 16.19 2.27
N SER A 13 1.88 16.13 2.97
CA SER A 13 1.88 16.11 4.44
CA SER A 13 1.88 16.09 4.44
C SER A 13 2.64 14.92 4.98
N ASN A 14 2.39 13.72 4.39
CA ASN A 14 3.12 12.52 4.82
C ASN A 14 4.64 12.70 4.61
N ALA A 15 5.02 13.30 3.51
CA ALA A 15 6.41 13.57 3.20
C ALA A 15 7.06 14.52 4.20
N VAL A 16 6.32 15.56 4.55
CA VAL A 16 6.81 16.53 5.56
C VAL A 16 7.07 15.82 6.89
N GLU A 17 6.15 15.01 7.41
CA GLU A 17 6.32 14.37 8.65
C GLU A 17 7.52 13.40 8.62
N PHE A 18 7.67 12.72 7.48
CA PHE A 18 8.86 11.92 7.22
C PHE A 18 10.19 12.65 7.31
N LEU A 19 10.31 13.77 6.59
CA LEU A 19 11.53 14.51 6.45
C LEU A 19 11.91 15.19 7.77
N LEU A 20 10.97 15.41 8.69
CA LEU A 20 11.23 15.95 10.01
C LEU A 20 11.80 14.92 11.01
N ASP A 21 11.62 13.63 10.78
CA ASP A 21 12.17 12.62 11.73
C ASP A 21 13.71 12.72 11.91
N SER A 22 14.19 12.65 13.18
CA SER A 22 15.59 12.88 13.44
C SER A 22 16.55 11.89 12.74
N ARG A 23 16.10 10.66 12.59
CA ARG A 23 16.91 9.63 11.85
C ARG A 23 16.94 9.90 10.38
N VAL A 24 15.77 10.31 9.89
CA VAL A 24 15.67 10.68 8.49
C VAL A 24 16.55 11.87 8.10
N ARG A 25 16.56 12.88 8.97
CA ARG A 25 17.37 14.04 8.74
C ARG A 25 18.83 13.64 8.48
N ARG A 26 19.29 12.56 9.13
CA ARG A 26 20.66 12.10 8.90
C ARG A 26 20.86 11.20 7.66
N THR A 27 19.78 10.80 6.99
CA THR A 27 19.85 10.00 5.80
C THR A 27 20.13 10.92 4.60
N PRO A 28 20.92 10.49 3.61
CA PRO A 28 21.20 11.34 2.50
C PRO A 28 19.96 11.76 1.70
N THR A 29 20.08 12.94 1.07
CA THR A 29 18.98 13.42 0.18
C THR A 29 18.57 12.44 -0.89
N SER A 30 19.54 11.81 -1.58
CA SER A 30 19.20 10.91 -2.66
C SER A 30 18.33 9.77 -2.24
N SER A 31 18.65 9.13 -1.12
CA SER A 31 17.83 8.02 -0.62
C SER A 31 16.40 8.47 -0.26
N LYS A 32 16.31 9.66 0.33
CA LYS A 32 14.99 10.21 0.65
C LYS A 32 14.11 10.54 -0.54
N VAL A 33 14.73 11.05 -1.57
CA VAL A 33 14.04 11.38 -2.79
C VAL A 33 13.53 10.11 -3.49
N HIS A 34 14.39 9.08 -3.58
CA HIS A 34 13.93 7.79 -4.12
C HIS A 34 12.83 7.14 -3.35
N PHE A 35 12.92 7.26 -2.01
CA PHE A 35 11.87 6.80 -1.13
C PHE A 35 10.54 7.49 -1.40
N LEU A 36 10.58 8.84 -1.48
CA LEU A 36 9.42 9.59 -1.68
C LEU A 36 8.73 9.31 -3.06
N LYS A 37 9.55 9.13 -4.08
CA LYS A 37 9.03 8.74 -5.39
C LYS A 37 8.35 7.35 -5.32
N SER A 38 8.92 6.48 -4.50
CA SER A 38 8.27 5.14 -4.29
C SER A 38 6.90 5.23 -3.61
N LYS A 39 6.67 6.26 -2.79
CA LYS A 39 5.34 6.56 -2.24
C LYS A 39 4.39 7.31 -3.12
N GLY A 40 4.75 7.57 -4.39
CA GLY A 40 3.88 8.18 -5.29
C GLY A 40 3.95 9.65 -5.47
N LEU A 41 5.03 10.28 -4.86
CA LEU A 41 5.19 11.68 -5.03
C LEU A 41 5.86 12.01 -6.33
N SER A 42 5.31 13.00 -7.00
CA SER A 42 5.99 13.59 -8.20
C SER A 42 7.23 14.38 -7.80
N ALA A 43 8.11 14.69 -8.76
CA ALA A 43 9.30 15.52 -8.44
C ALA A 43 8.89 16.83 -7.82
N GLU A 44 7.82 17.44 -8.37
CA GLU A 44 7.38 18.75 -7.84
C GLU A 44 6.86 18.65 -6.43
N GLU A 45 6.17 17.53 -6.10
CA GLU A 45 5.63 17.36 -4.77
C GLU A 45 6.79 17.14 -3.78
N ILE A 46 7.80 16.40 -4.21
CA ILE A 46 8.99 16.13 -3.37
C ILE A 46 9.69 17.50 -3.09
N CYS A 47 9.80 18.33 -4.13
CA CYS A 47 10.45 19.63 -4.02
C CYS A 47 9.65 20.48 -3.03
N GLU A 48 8.32 20.46 -3.07
CA GLU A 48 7.49 21.20 -2.16
CA GLU A 48 7.49 21.20 -2.16
C GLU A 48 7.68 20.75 -0.71
N ALA A 49 7.70 19.44 -0.46
CA ALA A 49 7.94 18.97 0.86
C ALA A 49 9.30 19.42 1.46
N PHE A 50 10.35 19.33 0.74
CA PHE A 50 11.66 19.79 1.17
C PHE A 50 11.61 21.28 1.56
N THR A 51 10.91 22.12 0.78
CA THR A 51 10.79 23.54 1.13
C THR A 51 9.97 23.71 2.33
N LYS A 52 8.89 22.98 2.54
CA LYS A 52 8.02 23.14 3.71
CA LYS A 52 8.03 23.14 3.71
C LYS A 52 8.73 22.87 5.04
N VAL A 53 9.70 21.98 5.04
CA VAL A 53 10.46 21.69 6.22
C VAL A 53 11.73 22.57 6.37
N GLY A 54 11.91 23.51 5.49
CA GLY A 54 13.11 24.31 5.59
C GLY A 54 14.36 23.64 5.25
N GLN A 55 14.32 22.69 4.32
CA GLN A 55 15.46 22.01 3.74
C GLN A 55 15.37 22.13 2.21
N PRO A 56 15.28 23.36 1.67
CA PRO A 56 14.96 23.51 0.26
C PRO A 56 16.02 22.88 -0.66
N LYS A 57 15.50 22.30 -1.75
CA LYS A 57 16.28 21.70 -2.80
CA LYS A 57 16.29 21.69 -2.80
C LYS A 57 15.78 22.31 -4.12
N THR A 58 16.65 22.41 -5.11
CA THR A 58 16.11 22.86 -6.40
C THR A 58 15.35 21.69 -7.04
N LEU A 59 14.45 22.03 -7.94
CA LEU A 59 13.80 21.01 -8.73
C LEU A 59 14.75 20.28 -9.59
N ASN A 60 15.77 21.00 -10.15
CA ASN A 60 16.80 20.34 -10.92
C ASN A 60 17.57 19.27 -10.14
N GLU A 61 17.88 19.52 -8.87
CA GLU A 61 18.57 18.57 -8.03
C GLU A 61 17.70 17.31 -7.91
N ILE A 62 16.42 17.52 -7.59
CA ILE A 62 15.51 16.34 -7.40
C ILE A 62 15.40 15.56 -8.70
N LYS A 63 15.23 16.25 -9.81
CA LYS A 63 15.18 15.60 -11.11
C LYS A 63 16.44 14.83 -11.49
N ARG A 64 17.60 15.36 -11.13
CA ARG A 64 18.84 14.66 -11.40
C ARG A 64 18.95 13.38 -10.61
N ILE A 65 18.55 13.43 -9.34
CA ILE A 65 18.49 12.18 -8.55
C ILE A 65 17.62 11.16 -9.17
N LEU A 66 16.45 11.55 -9.67
CA LEU A 66 15.43 10.61 -10.20
C LEU A 66 15.72 10.13 -11.63
N SER A 67 16.71 10.74 -12.28
CA SER A 67 17.03 10.40 -13.69
C SER A 67 18.05 9.26 -13.68
N MET B 1 9.45 0.55 -19.82
CA MET B 1 8.35 1.53 -20.10
CA MET B 1 8.35 1.53 -20.11
C MET B 1 7.79 2.16 -18.80
N TRP B 2 7.40 1.31 -17.86
CA TRP B 2 6.86 1.71 -16.54
C TRP B 2 7.68 2.77 -15.81
N HIS B 3 9.00 2.54 -15.79
CA HIS B 3 9.95 3.44 -15.15
C HIS B 3 9.91 4.86 -15.69
N THR B 4 9.39 5.06 -16.91
CA THR B 4 9.24 6.41 -17.49
C THR B 4 7.85 7.05 -17.27
N HIS B 5 6.90 6.31 -16.70
CA HIS B 5 5.58 6.93 -16.40
C HIS B 5 5.74 7.92 -15.23
N SER B 6 4.92 8.94 -15.27
CA SER B 6 4.73 9.81 -14.07
C SER B 6 4.04 9.02 -12.97
N GLU B 7 4.14 9.50 -11.74
CA GLU B 7 3.41 8.82 -10.64
C GLU B 7 1.88 8.85 -10.88
N ARG B 8 1.38 9.93 -11.46
CA ARG B 8 -0.01 10.04 -11.82
C ARG B 8 -0.40 8.92 -12.84
N GLU B 9 0.42 8.79 -13.89
CA GLU B 9 0.18 7.78 -14.86
C GLU B 9 0.17 6.42 -14.28
N LYS B 10 1.04 6.12 -13.30
CA LYS B 10 1.09 4.81 -12.64
C LYS B 10 -0.19 4.52 -11.85
N ARG B 11 -0.67 5.52 -11.11
CA ARG B 11 -1.94 5.34 -10.38
C ARG B 11 -3.11 5.02 -11.38
N VAL B 12 -3.18 5.82 -12.43
CA VAL B 12 -4.27 5.61 -13.43
C VAL B 12 -4.11 4.27 -14.12
N SER B 13 -2.91 3.84 -14.45
CA SER B 13 -2.67 2.50 -15.04
CA SER B 13 -2.69 2.51 -15.04
C SER B 13 -3.09 1.40 -14.13
N ASN B 14 -2.78 1.54 -12.83
CA ASN B 14 -3.14 0.47 -11.88
C ASN B 14 -4.65 0.39 -11.75
N ALA B 15 -5.32 1.54 -11.77
CA ALA B 15 -6.77 1.62 -11.70
C ALA B 15 -7.42 0.96 -12.91
N VAL B 16 -6.81 1.20 -14.07
CA VAL B 16 -7.37 0.59 -15.33
C VAL B 16 -7.31 -0.89 -15.25
N GLU B 17 -6.20 -1.43 -14.88
CA GLU B 17 -6.00 -2.88 -14.75
CA GLU B 17 -6.00 -2.89 -14.76
C GLU B 17 -6.97 -3.51 -13.74
N PHE B 18 -7.19 -2.82 -12.60
CA PHE B 18 -8.21 -3.20 -11.71
C PHE B 18 -9.60 -3.29 -12.26
N LEU B 19 -10.03 -2.22 -12.99
CA LEU B 19 -11.33 -2.06 -13.47
C LEU B 19 -11.64 -3.14 -14.58
N LEU B 20 -10.58 -3.62 -15.27
CA LEU B 20 -10.80 -4.66 -16.27
C LEU B 20 -11.05 -6.03 -15.68
N ASP B 21 -10.70 -6.29 -14.41
CA ASP B 21 -10.93 -7.65 -13.84
C ASP B 21 -12.40 -8.06 -13.90
N SER B 22 -12.68 -9.33 -14.34
CA SER B 22 -14.08 -9.67 -14.62
CA SER B 22 -14.05 -9.75 -14.60
C SER B 22 -14.99 -9.67 -13.36
N ARG B 23 -14.42 -9.95 -12.23
CA ARG B 23 -15.21 -9.82 -10.96
C ARG B 23 -15.42 -8.39 -10.51
N VAL B 24 -14.41 -7.56 -10.78
CA VAL B 24 -14.53 -6.13 -10.49
C VAL B 24 -15.56 -5.46 -11.36
N ARG B 25 -15.58 -5.91 -12.67
CA ARG B 25 -16.62 -5.41 -13.58
CA ARG B 25 -16.56 -5.44 -13.54
C ARG B 25 -18.02 -5.60 -13.05
N ARG B 26 -18.24 -6.68 -12.29
CA ARG B 26 -19.59 -6.95 -11.75
C ARG B 26 -19.88 -6.23 -10.41
N THR B 27 -18.84 -5.59 -9.83
CA THR B 27 -18.96 -4.80 -8.59
C THR B 27 -19.51 -3.42 -8.87
N PRO B 28 -20.35 -2.84 -8.02
CA PRO B 28 -20.97 -1.57 -8.28
C PRO B 28 -19.96 -0.40 -8.36
N THR B 29 -20.30 0.59 -9.20
CA THR B 29 -19.44 1.76 -9.33
C THR B 29 -19.09 2.39 -8.00
N SER B 30 -20.05 2.62 -7.12
CA SER B 30 -19.75 3.35 -5.83
C SER B 30 -18.65 2.61 -5.01
N SER B 31 -18.69 1.27 -4.94
CA SER B 31 -17.67 0.51 -4.23
C SER B 31 -16.29 0.68 -4.84
N LYS B 32 -16.25 0.66 -6.19
CA LYS B 32 -14.99 0.78 -6.89
C LYS B 32 -14.37 2.16 -6.71
N VAL B 33 -15.20 3.17 -6.72
CA VAL B 33 -14.76 4.57 -6.54
C VAL B 33 -14.19 4.75 -5.11
N HIS B 34 -14.89 4.25 -4.11
CA HIS B 34 -14.34 4.29 -2.76
C HIS B 34 -13.03 3.56 -2.65
N PHE B 35 -12.93 2.36 -3.26
CA PHE B 35 -11.73 1.58 -3.25
C PHE B 35 -10.56 2.39 -3.89
N LEU B 36 -10.80 2.98 -5.08
CA LEU B 36 -9.73 3.71 -5.74
C LEU B 36 -9.26 4.96 -4.95
N LYS B 37 -10.17 5.60 -4.28
CA LYS B 37 -9.79 6.69 -3.35
CA LYS B 37 -9.82 6.67 -3.32
C LYS B 37 -8.94 6.16 -2.23
N SER B 38 -9.28 4.99 -1.68
CA SER B 38 -8.46 4.36 -0.65
C SER B 38 -7.05 4.06 -1.08
N LYS B 39 -6.84 3.83 -2.40
CA LYS B 39 -5.54 3.58 -2.94
CA LYS B 39 -5.54 3.58 -2.94
C LYS B 39 -4.82 4.86 -3.32
N GLY B 40 -5.38 6.01 -3.00
CA GLY B 40 -4.71 7.23 -3.26
C GLY B 40 -4.97 8.03 -4.52
N LEU B 41 -6.00 7.61 -5.26
CA LEU B 41 -6.36 8.32 -6.45
C LEU B 41 -7.25 9.50 -6.16
N SER B 42 -7.05 10.59 -6.87
CA SER B 42 -7.93 11.77 -6.83
C SER B 42 -9.21 11.48 -7.57
N ALA B 43 -10.24 12.28 -7.36
CA ALA B 43 -11.47 12.15 -8.16
C ALA B 43 -11.23 12.23 -9.67
N GLU B 44 -10.36 13.19 -10.08
CA GLU B 44 -10.04 13.30 -11.49
C GLU B 44 -9.32 12.09 -12.04
N GLU B 45 -8.38 11.50 -11.27
CA GLU B 45 -7.68 10.29 -11.68
C GLU B 45 -8.64 9.10 -11.84
N ILE B 46 -9.58 8.99 -10.90
CA ILE B 46 -10.61 7.96 -10.95
C ILE B 46 -11.48 8.13 -12.23
N CYS B 47 -11.86 9.38 -12.48
CA CYS B 47 -12.66 9.68 -13.67
C CYS B 47 -11.89 9.23 -14.93
N GLU B 48 -10.61 9.59 -15.02
CA GLU B 48 -9.79 9.22 -16.18
CA GLU B 48 -9.83 9.24 -16.18
C GLU B 48 -9.73 7.73 -16.37
N ALA B 49 -9.59 6.97 -15.28
CA ALA B 49 -9.54 5.54 -15.39
C ALA B 49 -10.82 4.94 -15.92
N PHE B 50 -11.95 5.39 -15.44
CA PHE B 50 -13.29 4.89 -15.90
C PHE B 50 -13.48 5.17 -17.42
N THR B 51 -13.03 6.34 -17.83
CA THR B 51 -13.15 6.70 -19.26
C THR B 51 -12.25 5.77 -20.07
N LYS B 52 -11.03 5.52 -19.60
CA LYS B 52 -10.07 4.65 -20.34
CA LYS B 52 -10.13 4.67 -20.38
C LYS B 52 -10.57 3.23 -20.55
N VAL B 53 -11.28 2.64 -19.62
CA VAL B 53 -11.80 1.30 -19.82
C VAL B 53 -13.16 1.26 -20.52
N GLY B 54 -13.63 2.40 -21.00
CA GLY B 54 -14.89 2.39 -21.68
C GLY B 54 -16.09 2.28 -20.85
N GLN B 55 -15.97 2.75 -19.60
CA GLN B 55 -17.06 2.76 -18.68
CA GLN B 55 -17.05 2.77 -18.68
C GLN B 55 -17.17 4.19 -18.16
N PRO B 56 -17.30 5.18 -19.05
CA PRO B 56 -17.19 6.54 -18.59
C PRO B 56 -18.21 6.94 -17.57
N LYS B 57 -17.72 7.71 -16.59
CA LYS B 57 -18.54 8.32 -15.57
CA LYS B 57 -18.54 8.31 -15.58
C LYS B 57 -18.31 9.85 -15.60
N THR B 58 -19.31 10.59 -15.21
CA THR B 58 -19.07 12.04 -15.12
C THR B 58 -18.23 12.32 -13.89
N LEU B 59 -17.46 13.40 -13.94
CA LEU B 59 -16.73 13.80 -12.73
C LEU B 59 -17.68 14.11 -11.63
N ASN B 60 -18.84 14.69 -11.96
CA ASN B 60 -19.82 14.97 -10.93
C ASN B 60 -20.33 13.73 -10.18
N GLU B 61 -20.54 12.65 -10.92
CA GLU B 61 -20.94 11.39 -10.33
C GLU B 61 -19.86 10.90 -9.32
N ILE B 62 -18.61 10.93 -9.74
CA ILE B 62 -17.52 10.45 -8.90
C ILE B 62 -17.45 11.34 -7.63
N LYS B 63 -17.56 12.67 -7.76
CA LYS B 63 -17.53 13.57 -6.61
C LYS B 63 -18.70 13.30 -5.65
N ARG B 64 -19.86 12.99 -6.20
CA ARG B 64 -21.05 12.69 -5.34
C ARG B 64 -20.81 11.44 -4.50
N ILE B 65 -20.23 10.43 -5.10
CA ILE B 65 -19.93 9.22 -4.38
C ILE B 65 -19.00 9.53 -3.25
N LEU B 66 -17.95 10.34 -3.50
CA LEU B 66 -16.93 10.61 -2.56
C LEU B 66 -17.32 11.67 -1.51
N SER B 67 -18.45 12.36 -1.69
CA SER B 67 -18.84 13.44 -0.78
C SER B 67 -19.58 12.87 0.43
N MET C 1 -2.42 -8.52 22.46
CA MET C 1 -1.89 -9.93 22.26
C MET C 1 -1.95 -10.48 20.83
N TRP C 2 -1.93 -9.59 19.83
CA TRP C 2 -1.82 -9.95 18.40
C TRP C 2 -0.72 -10.96 18.05
N HIS C 3 0.47 -10.70 18.57
CA HIS C 3 1.68 -11.48 18.27
C HIS C 3 1.58 -12.99 18.60
N THR C 4 0.69 -13.35 19.54
CA THR C 4 0.44 -14.75 19.87
C THR C 4 -0.72 -15.37 19.08
N HIS C 5 -1.41 -14.59 18.21
CA HIS C 5 -2.49 -15.20 17.43
C HIS C 5 -1.82 -16.07 16.40
N SER C 6 -2.46 -17.17 16.05
CA SER C 6 -2.00 -17.96 14.89
C SER C 6 -2.16 -17.17 13.61
N GLU C 7 -1.53 -17.61 12.52
CA GLU C 7 -1.66 -16.93 11.27
C GLU C 7 -3.16 -16.95 10.80
N ARG C 8 -3.86 -18.09 11.06
CA ARG C 8 -5.26 -18.18 10.74
C ARG C 8 -6.09 -17.18 11.51
N GLU C 9 -5.86 -17.08 12.81
CA GLU C 9 -6.57 -16.13 13.62
C GLU C 9 -6.33 -14.63 13.23
N LYS C 10 -5.13 -14.36 12.75
CA LYS C 10 -4.87 -13.03 12.17
C LYS C 10 -5.62 -12.77 10.89
N ARG C 11 -5.70 -13.76 9.98
CA ARG C 11 -6.46 -13.58 8.78
C ARG C 11 -7.91 -13.30 9.05
N VAL C 12 -8.51 -14.08 9.98
CA VAL C 12 -9.91 -13.86 10.36
C VAL C 12 -10.17 -12.50 10.99
N SER C 13 -9.25 -12.12 11.92
CA SER C 13 -9.34 -10.79 12.55
C SER C 13 -9.21 -9.62 11.58
N ASN C 14 -8.27 -9.80 10.64
CA ASN C 14 -8.15 -8.76 9.57
C ASN C 14 -9.43 -8.66 8.75
N ALA C 15 -10.00 -9.81 8.41
CA ALA C 15 -11.23 -9.82 7.63
C ALA C 15 -12.46 -9.20 8.35
N VAL C 16 -12.57 -9.44 9.71
CA VAL C 16 -13.57 -8.84 10.48
C VAL C 16 -13.50 -7.29 10.49
N GLU C 17 -12.28 -6.79 10.72
CA GLU C 17 -12.05 -5.35 10.74
CA GLU C 17 -12.02 -5.35 10.73
C GLU C 17 -12.36 -4.76 9.36
N PHE C 18 -11.98 -5.49 8.32
CA PHE C 18 -12.38 -5.08 6.99
C PHE C 18 -13.88 -4.97 6.79
N LEU C 19 -14.63 -6.03 7.15
CA LEU C 19 -16.02 -6.10 6.94
C LEU C 19 -16.80 -5.05 7.71
N LEU C 20 -16.23 -4.51 8.81
CA LEU C 20 -16.89 -3.47 9.55
C LEU C 20 -16.77 -2.09 8.95
N ASP C 21 -15.78 -1.90 8.06
CA ASP C 21 -15.57 -0.57 7.46
C ASP C 21 -16.90 -0.11 6.79
N SER C 22 -17.30 1.20 6.96
CA SER C 22 -18.58 1.64 6.50
C SER C 22 -18.79 1.58 4.91
N ARG C 23 -17.68 1.79 4.22
CA ARG C 23 -17.68 1.69 2.72
C ARG C 23 -17.85 0.20 2.30
N VAL C 24 -17.17 -0.66 3.04
CA VAL C 24 -17.20 -2.11 2.80
C VAL C 24 -18.58 -2.69 3.09
N ARG C 25 -19.21 -2.25 4.19
CA ARG C 25 -20.60 -2.66 4.44
CA ARG C 25 -20.59 -2.67 4.45
C ARG C 25 -21.59 -2.44 3.32
N ARG C 26 -21.38 -1.40 2.53
CA ARG C 26 -22.25 -1.13 1.39
C ARG C 26 -21.85 -1.88 0.10
N THR C 27 -20.75 -2.61 0.13
CA THR C 27 -20.23 -3.35 -1.04
C THR C 27 -20.95 -4.70 -1.04
N PRO C 28 -21.27 -5.28 -2.17
CA PRO C 28 -21.91 -6.65 -2.21
C PRO C 28 -21.06 -7.76 -1.62
N THR C 29 -21.76 -8.76 -1.04
CA THR C 29 -21.09 -9.92 -0.49
C THR C 29 -20.13 -10.58 -1.48
N SER C 30 -20.55 -10.81 -2.73
CA SER C 30 -19.66 -11.52 -3.62
C SER C 30 -18.30 -10.76 -3.91
N SER C 31 -18.37 -9.44 -4.02
CA SER C 31 -17.11 -8.68 -4.17
C SER C 31 -16.19 -8.86 -2.99
N LYS C 32 -16.80 -8.83 -1.76
CA LYS C 32 -16.02 -9.00 -0.57
C LYS C 32 -15.41 -10.35 -0.38
N VAL C 33 -16.16 -11.38 -0.78
CA VAL C 33 -15.67 -12.75 -0.79
C VAL C 33 -14.49 -12.94 -1.74
N HIS C 34 -14.65 -12.38 -2.93
CA HIS C 34 -13.47 -12.45 -3.85
C HIS C 34 -12.25 -11.71 -3.33
N PHE C 35 -12.46 -10.51 -2.80
CA PHE C 35 -11.41 -9.75 -2.15
C PHE C 35 -10.73 -10.60 -1.03
N LEU C 36 -11.52 -11.17 -0.11
CA LEU C 36 -10.90 -11.92 0.95
C LEU C 36 -10.12 -13.14 0.49
N LYS C 37 -10.60 -13.83 -0.52
CA LYS C 37 -9.81 -14.88 -1.14
C LYS C 37 -8.49 -14.40 -1.67
N SER C 38 -8.53 -13.22 -2.24
CA SER C 38 -7.27 -12.63 -2.81
C SER C 38 -6.26 -12.28 -1.68
N LYS C 39 -6.72 -12.07 -0.41
CA LYS C 39 -5.85 -11.91 0.75
C LYS C 39 -5.44 -13.25 1.44
N GLY C 40 -5.73 -14.38 0.81
CA GLY C 40 -5.27 -15.66 1.27
C GLY C 40 -6.20 -16.38 2.22
N LEU C 41 -7.43 -15.92 2.35
CA LEU C 41 -8.41 -16.61 3.22
C LEU C 41 -9.02 -17.78 2.52
N SER C 42 -9.24 -18.83 3.26
CA SER C 42 -10.08 -19.96 2.78
C SER C 42 -11.54 -19.69 2.88
N ALA C 43 -12.35 -20.47 2.20
CA ALA C 43 -13.78 -20.34 2.35
C ALA C 43 -14.26 -20.42 3.80
N GLU C 44 -13.70 -21.31 4.57
CA GLU C 44 -14.13 -21.39 5.97
C GLU C 44 -13.77 -20.19 6.81
N GLU C 45 -12.55 -19.68 6.56
CA GLU C 45 -12.11 -18.47 7.24
C GLU C 45 -13.02 -17.28 6.93
N ILE C 46 -13.39 -17.14 5.64
CA ILE C 46 -14.34 -16.09 5.17
C ILE C 46 -15.69 -16.22 5.88
N CYS C 47 -16.16 -17.46 5.90
CA CYS C 47 -17.43 -17.75 6.59
C CYS C 47 -17.42 -17.29 8.07
N GLU C 48 -16.36 -17.61 8.73
CA GLU C 48 -16.28 -17.26 10.18
C GLU C 48 -16.32 -15.77 10.34
N ALA C 49 -15.57 -15.04 9.47
CA ALA C 49 -15.60 -13.59 9.58
C ALA C 49 -16.94 -12.99 9.38
N PHE C 50 -17.74 -13.45 8.38
CA PHE C 50 -19.08 -12.99 8.19
C PHE C 50 -20.02 -13.22 9.41
N THR C 51 -19.87 -14.37 10.00
CA THR C 51 -20.65 -14.69 11.22
C THR C 51 -20.25 -13.80 12.38
N LYS C 52 -18.96 -13.53 12.51
CA LYS C 52 -18.49 -12.62 13.58
CA LYS C 52 -18.54 -12.63 13.58
C LYS C 52 -19.05 -11.21 13.48
N VAL C 53 -19.16 -10.63 12.29
CA VAL C 53 -19.72 -9.30 12.14
C VAL C 53 -21.26 -9.24 12.09
N GLY C 54 -21.92 -10.39 12.30
CA GLY C 54 -23.37 -10.38 12.29
C GLY C 54 -24.04 -10.35 11.00
N GLN C 55 -23.34 -10.87 10.01
CA GLN C 55 -23.76 -10.95 8.67
CA GLN C 55 -24.04 -11.10 8.66
C GLN C 55 -23.66 -12.45 8.21
N PRO C 56 -24.25 -13.42 8.91
CA PRO C 56 -23.90 -14.81 8.68
C PRO C 56 -24.22 -15.30 7.25
N LYS C 57 -23.26 -16.06 6.72
CA LYS C 57 -23.41 -16.72 5.43
C LYS C 57 -23.18 -18.22 5.68
N THR C 58 -23.70 -19.09 4.84
CA THR C 58 -23.36 -20.50 4.96
C THR C 58 -22.08 -20.75 4.27
N LEU C 59 -21.41 -21.82 4.63
CA LEU C 59 -20.21 -22.25 3.93
C LEU C 59 -20.50 -22.54 2.46
N ASN C 60 -21.64 -23.19 2.16
CA ASN C 60 -21.94 -23.49 0.80
C ASN C 60 -22.13 -22.20 -0.04
N GLU C 61 -22.66 -21.16 0.56
CA GLU C 61 -22.89 -19.87 -0.12
CA GLU C 61 -22.86 -19.89 -0.15
C GLU C 61 -21.54 -19.25 -0.53
N ILE C 62 -20.58 -19.29 0.38
CA ILE C 62 -19.26 -18.77 0.07
CA ILE C 62 -19.25 -18.78 0.09
C ILE C 62 -18.58 -19.62 -1.01
N LYS C 63 -18.65 -20.94 -0.88
CA LYS C 63 -18.07 -21.81 -1.89
C LYS C 63 -18.66 -21.57 -3.30
N ARG C 64 -19.97 -21.30 -3.40
CA ARG C 64 -20.64 -20.98 -4.66
C ARG C 64 -20.07 -19.74 -5.33
N ILE C 65 -19.84 -18.71 -4.50
CA ILE C 65 -19.25 -17.50 -5.03
C ILE C 65 -17.85 -17.76 -5.58
N LEU C 66 -17.06 -18.55 -4.84
CA LEU C 66 -15.66 -18.83 -5.19
C LEU C 66 -15.52 -19.86 -6.29
N SER C 67 -16.58 -20.57 -6.62
CA SER C 67 -16.46 -21.69 -7.59
C SER C 67 -16.31 -21.19 -9.02
N HIS D 5 5.20 -21.29 6.22
CA HIS D 5 6.21 -20.30 6.71
C HIS D 5 5.70 -19.69 8.01
N SER D 6 6.56 -19.65 9.01
CA SER D 6 6.24 -18.95 10.24
C SER D 6 6.19 -17.45 9.99
N GLU D 7 5.62 -16.70 10.93
CA GLU D 7 5.56 -15.22 10.75
C GLU D 7 6.97 -14.61 10.73
N ARG D 8 7.87 -15.16 11.56
CA ARG D 8 9.26 -14.76 11.57
C ARG D 8 9.88 -15.00 10.21
N GLU D 9 9.65 -16.13 9.59
CA GLU D 9 10.20 -16.44 8.26
CA GLU D 9 10.17 -16.46 8.28
C GLU D 9 9.67 -15.51 7.18
N LYS D 10 8.42 -15.11 7.31
CA LYS D 10 7.89 -14.12 6.36
C LYS D 10 8.51 -12.72 6.53
N ARG D 11 8.76 -12.33 7.77
CA ARG D 11 9.40 -11.03 8.00
C ARG D 11 10.82 -11.06 7.30
N VAL D 12 11.57 -12.16 7.54
CA VAL D 12 12.93 -12.23 6.97
C VAL D 12 12.91 -12.21 5.45
N SER D 13 11.98 -12.96 4.84
CA SER D 13 11.86 -13.00 3.41
CA SER D 13 11.96 -12.99 3.41
C SER D 13 11.53 -11.64 2.80
N ASN D 14 10.67 -10.90 3.51
CA ASN D 14 10.27 -9.54 2.97
C ASN D 14 11.52 -8.59 3.04
N ALA D 15 12.27 -8.75 4.13
CA ALA D 15 13.51 -7.92 4.30
C ALA D 15 14.52 -8.21 3.18
N VAL D 16 14.66 -9.50 2.80
CA VAL D 16 15.56 -9.84 1.75
C VAL D 16 15.28 -9.20 0.39
N GLU D 17 14.04 -9.28 -0.02
CA GLU D 17 13.64 -8.69 -1.24
C GLU D 17 13.80 -7.14 -1.24
N PHE D 18 13.50 -6.60 -0.08
CA PHE D 18 13.82 -5.15 0.14
C PHE D 18 15.29 -4.78 -0.07
N LEU D 19 16.19 -5.56 0.55
CA LEU D 19 17.63 -5.25 0.53
C LEU D 19 18.27 -5.39 -0.79
N LEU D 20 17.62 -6.20 -1.63
CA LEU D 20 18.14 -6.38 -2.99
C LEU D 20 17.76 -5.30 -4.00
N ASP D 21 16.72 -4.52 -3.62
CA ASP D 21 16.31 -3.44 -4.55
C ASP D 21 17.45 -2.44 -4.82
N SER D 22 17.64 -2.04 -6.09
CA SER D 22 18.83 -1.26 -6.46
C SER D 22 18.96 0.20 -5.80
N ARG D 23 17.82 0.80 -5.57
CA ARG D 23 17.76 2.08 -4.77
C ARG D 23 18.16 1.86 -3.33
N VAL D 24 17.64 0.80 -2.78
CA VAL D 24 17.97 0.38 -1.41
C VAL D 24 19.45 0.02 -1.21
N ARG D 25 20.12 -0.71 -2.13
CA ARG D 25 21.57 -0.93 -1.99
C ARG D 25 22.39 0.34 -1.79
N ARG D 26 21.94 1.47 -2.34
CA ARG D 26 22.65 2.72 -2.24
C ARG D 26 22.33 3.52 -0.97
N THR D 27 21.39 3.05 -0.17
CA THR D 27 20.90 3.70 1.00
C THR D 27 21.76 3.23 2.21
N PRO D 28 22.06 4.10 3.20
CA PRO D 28 22.97 3.62 4.26
C PRO D 28 22.40 2.51 5.10
N THR D 29 23.28 1.66 5.64
CA THR D 29 22.85 0.54 6.48
C THR D 29 21.94 1.00 7.60
N SER D 30 22.35 2.06 8.33
CA SER D 30 21.55 2.52 9.49
C SER D 30 20.09 2.88 9.09
N SER D 31 19.90 3.52 7.96
CA SER D 31 18.53 3.86 7.49
C SER D 31 17.71 2.63 7.16
N LYS D 32 18.39 1.63 6.60
CA LYS D 32 17.75 0.33 6.30
C LYS D 32 17.36 -0.40 7.58
N VAL D 33 18.23 -0.39 8.59
CA VAL D 33 17.99 -1.07 9.87
C VAL D 33 16.80 -0.42 10.57
N HIS D 34 16.80 0.91 10.66
CA HIS D 34 15.65 1.60 11.30
C HIS D 34 14.36 1.30 10.55
N PHE D 35 14.37 1.30 9.23
CA PHE D 35 13.21 0.96 8.39
C PHE D 35 12.73 -0.47 8.71
N LEU D 36 13.66 -1.42 8.78
CA LEU D 36 13.22 -2.81 9.10
C LEU D 36 12.68 -2.96 10.46
N LYS D 37 13.19 -2.28 11.44
CA LYS D 37 12.64 -2.27 12.77
C LYS D 37 11.21 -1.71 12.73
N SER D 38 10.99 -0.67 11.93
CA SER D 38 9.65 -0.10 11.79
C SER D 38 8.63 -1.06 11.17
N LYS D 39 9.09 -2.04 10.39
CA LYS D 39 8.26 -3.11 9.89
C LYS D 39 8.10 -4.26 10.86
N GLY D 40 8.61 -4.20 12.06
CA GLY D 40 8.42 -5.25 13.06
C GLY D 40 9.47 -6.30 13.11
N LEU D 41 10.61 -6.07 12.45
CA LEU D 41 11.74 -7.06 12.61
C LEU D 41 12.55 -6.90 13.81
N SER D 42 13.00 -7.99 14.46
CA SER D 42 13.93 -7.92 15.54
C SER D 42 15.37 -7.74 15.02
N ALA D 43 16.27 -7.40 15.88
CA ALA D 43 17.69 -7.32 15.53
C ALA D 43 18.17 -8.60 14.84
N GLU D 44 17.81 -9.78 15.39
CA GLU D 44 18.26 -11.04 14.80
CA GLU D 44 18.33 -11.04 14.81
C GLU D 44 17.71 -11.26 13.43
N GLU D 45 16.45 -10.94 13.20
CA GLU D 45 15.86 -11.10 11.98
C GLU D 45 16.50 -10.19 10.86
N ILE D 46 16.80 -8.94 11.27
CA ILE D 46 17.50 -8.00 10.37
C ILE D 46 18.88 -8.52 10.01
N CYS D 47 19.59 -8.98 11.01
CA CYS D 47 20.90 -9.62 10.80
C CYS D 47 20.86 -10.74 9.80
N GLU D 48 19.88 -11.60 9.96
CA GLU D 48 19.75 -12.77 9.08
C GLU D 48 19.51 -12.38 7.63
N ALA D 49 18.67 -11.33 7.42
CA ALA D 49 18.39 -10.90 6.13
C ALA D 49 19.60 -10.31 5.36
N PHE D 50 20.44 -9.56 6.11
CA PHE D 50 21.66 -9.06 5.54
C PHE D 50 22.59 -10.22 5.09
N THR D 51 22.66 -11.28 5.89
CA THR D 51 23.52 -12.41 5.48
C THR D 51 22.93 -13.08 4.25
N LYS D 52 21.61 -13.20 4.15
CA LYS D 52 21.00 -13.89 3.02
C LYS D 52 21.26 -13.24 1.68
N VAL D 53 21.52 -11.92 1.68
CA VAL D 53 21.84 -11.23 0.51
C VAL D 53 23.33 -11.03 0.29
N GLY D 54 24.17 -11.65 1.14
CA GLY D 54 25.59 -11.49 0.96
C GLY D 54 26.12 -10.15 1.29
N GLN D 55 25.45 -9.48 2.19
CA GLN D 55 25.90 -8.16 2.72
C GLN D 55 26.02 -8.27 4.28
N PRO D 56 26.79 -9.23 4.81
CA PRO D 56 26.72 -9.61 6.20
C PRO D 56 27.05 -8.47 7.17
N LYS D 57 26.30 -8.43 8.26
CA LYS D 57 26.55 -7.54 9.35
C LYS D 57 26.63 -8.38 10.59
N THR D 58 27.32 -7.92 11.61
CA THR D 58 27.26 -8.66 12.89
C THR D 58 26.01 -8.28 13.63
N LEU D 59 25.56 -9.18 14.50
CA LEU D 59 24.43 -8.85 15.35
C LEU D 59 24.73 -7.67 16.23
N ASN D 60 25.97 -7.56 16.70
CA ASN D 60 26.31 -6.38 17.53
C ASN D 60 26.14 -5.05 16.78
N GLU D 61 26.55 -5.02 15.51
CA GLU D 61 26.41 -3.82 14.67
C GLU D 61 24.96 -3.42 14.55
N ILE D 62 24.07 -4.33 14.34
CA ILE D 62 22.64 -3.98 14.21
CA ILE D 62 22.62 -4.02 14.18
C ILE D 62 22.09 -3.49 15.54
N LYS D 63 22.48 -4.15 16.60
CA LYS D 63 22.01 -3.71 17.93
C LYS D 63 22.50 -2.31 18.27
N ARG D 64 23.74 -1.98 17.91
CA ARG D 64 24.25 -0.62 18.10
C ARG D 64 23.38 0.42 17.38
N ILE D 65 23.02 0.13 16.16
CA ILE D 65 22.17 1.06 15.38
C ILE D 65 20.83 1.28 16.07
N LEU D 66 20.27 0.20 16.57
CA LEU D 66 18.95 0.26 17.19
C LEU D 66 18.99 0.76 18.63
N SER D 67 20.13 0.92 19.23
CA SER D 67 20.17 1.23 20.68
C SER D 67 19.82 2.70 20.93
#